data_7KD3
#
_entry.id   7KD3
#
_cell.length_a   31.019
_cell.length_b   55.001
_cell.length_c   72.317
_cell.angle_alpha   90.000
_cell.angle_beta   96.060
_cell.angle_gamma   90.000
#
_symmetry.space_group_name_H-M   'P 1 21 1'
#
loop_
_entity.id
_entity.type
_entity.pdbx_description
1 polymer 'Putative transcriptional regulator'
2 polymer 'Putative transcriptional regulator'
3 water water
#
loop_
_entity_poly.entity_id
_entity_poly.type
_entity_poly.pdbx_seq_one_letter_code
_entity_poly.pdbx_strand_id
1 'polypeptide(L)'
;MHHHHHHMKKCLDNYS(CSO)PIEATLALIGGKYKTLILWHLKDTILRFNELKKLIPKATPKMLTQQLRELESDGLIIRV
VYPVVPPKVEYSLSDFGKSIIPILDSM(CSO)DWGSDYLESL
;
A
2 'polypeptide(L)'
;MHHHHHHMKKCLDNYSCPIEATLALIGGKYKTLILWHLKDTILRFNELKKLIPKATPKMLTQQLRELESDGLIIRVVYPV
VPPKVEYSLSDFGKSIIPILDSMCDWGSDYLESL
;
B
#
# COMPACT_ATOMS: atom_id res chain seq x y z
N ASN A 14 6.29 -15.96 -7.01
CA ASN A 14 5.92 -15.49 -8.34
C ASN A 14 4.54 -14.83 -8.34
N TYR A 15 4.23 -14.11 -9.42
CA TYR A 15 3.12 -13.16 -9.47
C TYR A 15 2.35 -13.33 -10.78
N SER A 16 1.04 -13.55 -10.68
CA SER A 16 0.18 -13.69 -11.87
C SER A 16 -0.03 -12.34 -12.60
N PRO A 18 1.39 -7.84 -12.55
CA PRO A 18 2.31 -6.81 -12.08
C PRO A 18 1.99 -6.13 -10.75
N ILE A 19 0.71 -5.86 -10.48
CA ILE A 19 0.37 -5.15 -9.25
C ILE A 19 0.80 -5.96 -8.05
N GLU A 20 0.90 -7.29 -8.20
CA GLU A 20 1.42 -8.11 -7.10
C GLU A 20 2.87 -7.75 -6.79
N ALA A 21 3.66 -7.39 -7.81
CA ALA A 21 5.03 -6.98 -7.59
C ALA A 21 5.08 -5.65 -6.85
N THR A 22 4.27 -4.68 -7.28
CA THR A 22 4.16 -3.43 -6.53
C THR A 22 3.81 -3.71 -5.06
N LEU A 23 2.80 -4.58 -4.82
CA LEU A 23 2.43 -4.82 -3.43
C LEU A 23 3.58 -5.46 -2.66
N ALA A 24 4.28 -6.40 -3.28
CA ALA A 24 5.44 -7.01 -2.63
C ALA A 24 6.54 -6.00 -2.32
N LEU A 25 6.60 -4.89 -3.06
CA LEU A 25 7.66 -3.91 -2.81
C LEU A 25 7.27 -2.86 -1.77
N ILE A 26 6.04 -2.33 -1.82
CA ILE A 26 5.64 -1.22 -0.96
C ILE A 26 4.38 -1.52 -0.14
N GLY A 27 3.85 -2.73 -0.19
CA GLY A 27 2.54 -2.95 0.41
C GLY A 27 2.60 -3.38 1.88
N GLY A 28 3.73 -3.95 2.29
CA GLY A 28 3.88 -4.35 3.67
C GLY A 28 3.73 -3.18 4.62
N LYS A 29 3.38 -3.50 5.86
CA LYS A 29 2.94 -2.48 6.80
C LYS A 29 3.99 -1.39 6.98
N TYR A 30 3.54 -0.15 7.00
CA TYR A 30 4.39 1.03 7.17
C TYR A 30 5.29 1.34 5.96
N LYS A 31 5.44 0.45 4.99
CA LYS A 31 6.39 0.75 3.91
C LYS A 31 6.01 2.04 3.18
N THR A 32 4.72 2.19 2.87
CA THR A 32 4.31 3.31 2.04
C THR A 32 4.36 4.62 2.80
N LEU A 33 3.92 4.62 4.08
CA LEU A 33 4.10 5.79 4.96
C LEU A 33 5.57 6.17 5.08
N ILE A 34 6.46 5.20 5.26
CA ILE A 34 7.89 5.52 5.34
C ILE A 34 8.33 6.23 4.06
N LEU A 35 8.07 5.61 2.91
CA LEU A 35 8.43 6.24 1.65
C LEU A 35 7.88 7.66 1.58
N TRP A 36 6.64 7.83 2.05
CA TRP A 36 6.01 9.14 1.99
C TRP A 36 6.75 10.15 2.85
N HIS A 37 7.21 9.73 4.03
CA HIS A 37 7.88 10.65 4.94
C HIS A 37 9.28 11.00 4.47
N LEU A 38 9.95 10.05 3.79
CA LEU A 38 11.26 10.36 3.23
C LEU A 38 11.18 11.25 2.00
N LYS A 39 9.98 11.47 1.44
CA LYS A 39 9.84 12.29 0.25
C LYS A 39 10.38 13.70 0.50
N ASP A 40 11.37 14.10 -0.30
CA ASP A 40 12.02 15.42 -0.22
C ASP A 40 12.80 15.64 1.08
N THR A 41 13.23 14.58 1.76
CA THR A 41 13.92 14.75 3.04
C THR A 41 14.91 13.60 3.25
N ILE A 42 15.66 13.72 4.35
CA ILE A 42 16.43 12.63 4.92
C ILE A 42 16.01 12.52 6.38
N LEU A 43 15.86 11.30 6.87
CA LEU A 43 15.39 11.10 8.22
C LEU A 43 16.23 10.07 8.94
N ARG A 44 16.60 10.41 10.17
CA ARG A 44 17.07 9.43 11.13
C ARG A 44 15.94 8.54 11.63
N PHE A 45 16.34 7.44 12.27
CA PHE A 45 15.39 6.47 12.78
C PHE A 45 14.54 7.06 13.90
N ASN A 46 15.13 7.82 14.83
CA ASN A 46 14.34 8.41 15.91
C ASN A 46 13.25 9.32 15.35
N GLU A 47 13.50 9.96 14.21
CA GLU A 47 12.52 10.90 13.71
C GLU A 47 11.39 10.19 12.99
N LEU A 48 11.71 9.09 12.31
CA LEU A 48 10.67 8.21 11.79
C LEU A 48 9.81 7.62 12.92
N LYS A 49 10.45 7.08 13.97
CA LYS A 49 9.71 6.63 15.15
C LYS A 49 8.67 7.66 15.56
N LYS A 50 9.11 8.91 15.73
CA LYS A 50 8.18 9.92 16.23
C LYS A 50 7.13 10.30 15.19
N LEU A 51 7.40 10.08 13.89
CA LEU A 51 6.35 10.26 12.89
C LEU A 51 5.43 9.04 12.78
N ILE A 52 5.90 7.85 13.12
CA ILE A 52 5.06 6.65 13.13
C ILE A 52 4.99 6.11 14.56
N PRO A 53 4.32 6.81 15.47
CA PRO A 53 4.51 6.54 16.91
C PRO A 53 3.98 5.19 17.36
N LYS A 54 3.02 4.60 16.66
CA LYS A 54 2.42 3.36 17.14
C LYS A 54 3.17 2.11 16.68
N ALA A 55 4.19 2.24 15.84
CA ALA A 55 4.93 1.07 15.40
C ALA A 55 5.97 0.68 16.44
N THR A 56 6.19 -0.61 16.59
CA THR A 56 7.28 -0.99 17.44
C THR A 56 8.60 -0.71 16.73
N PRO A 57 9.61 -0.28 17.47
CA PRO A 57 10.90 -0.04 16.84
C PRO A 57 11.39 -1.24 16.04
N LYS A 58 11.24 -2.45 16.57
CA LYS A 58 11.77 -3.59 15.83
C LYS A 58 11.03 -3.81 14.51
N MET A 59 9.73 -3.56 14.48
CA MET A 59 8.99 -3.75 13.24
C MET A 59 9.34 -2.66 12.25
N LEU A 60 9.49 -1.43 12.73
CA LEU A 60 9.88 -0.36 11.83
C LEU A 60 11.26 -0.64 11.23
N THR A 61 12.18 -1.15 12.04
CA THR A 61 13.51 -1.51 11.59
C THR A 61 13.45 -2.64 10.58
N GLN A 62 12.64 -3.66 10.83
CA GLN A 62 12.45 -4.71 9.85
C GLN A 62 11.99 -4.13 8.50
N GLN A 63 10.99 -3.24 8.52
CA GLN A 63 10.47 -2.72 7.27
C GLN A 63 11.50 -1.82 6.56
N LEU A 64 12.25 -1.03 7.34
CA LEU A 64 13.32 -0.23 6.76
C LEU A 64 14.35 -1.11 6.06
N ARG A 65 14.78 -2.20 6.70
CA ARG A 65 15.79 -3.05 6.07
C ARG A 65 15.23 -3.70 4.80
N GLU A 66 13.94 -4.03 4.78
CA GLU A 66 13.38 -4.60 3.57
C GLU A 66 13.32 -3.57 2.44
N LEU A 67 12.97 -2.32 2.77
CA LEU A 67 12.97 -1.28 1.77
C LEU A 67 14.38 -1.06 1.20
N GLU A 68 15.40 -1.12 2.07
CA GLU A 68 16.78 -0.94 1.63
C GLU A 68 17.20 -2.09 0.72
N SER A 69 16.89 -3.30 1.15
CA SER A 69 17.21 -4.48 0.36
C SER A 69 16.55 -4.44 -1.02
N ASP A 70 15.31 -3.92 -1.11
CA ASP A 70 14.63 -3.79 -2.42
C ASP A 70 15.11 -2.58 -3.23
N GLY A 71 16.07 -1.82 -2.74
CA GLY A 71 16.56 -0.63 -3.43
C GLY A 71 15.64 0.55 -3.49
N LEU A 72 14.67 0.66 -2.56
CA LEU A 72 13.76 1.78 -2.55
C LEU A 72 14.27 2.94 -1.71
N ILE A 73 15.17 2.67 -0.75
CA ILE A 73 15.71 3.73 0.11
C ILE A 73 17.19 3.47 0.32
N ILE A 74 17.92 4.55 0.63
CA ILE A 74 19.35 4.54 0.90
C ILE A 74 19.57 4.79 2.39
N ARG A 75 20.55 4.10 2.97
CA ARG A 75 20.94 4.24 4.37
C ARG A 75 22.40 4.66 4.40
N VAL A 76 22.65 5.86 4.93
CA VAL A 76 23.97 6.48 4.90
C VAL A 76 24.45 6.68 6.33
N VAL A 77 25.64 6.19 6.62
CA VAL A 77 26.21 6.30 7.95
C VAL A 77 27.27 7.39 7.93
N TYR A 78 27.04 8.45 8.70
CA TYR A 78 28.05 9.45 8.96
C TYR A 78 28.80 9.08 10.22
N PRO A 79 30.13 8.86 10.17
CA PRO A 79 30.89 8.37 11.33
C PRO A 79 31.38 9.51 12.23
N VAL A 80 30.44 10.26 12.80
CA VAL A 80 30.71 11.15 13.91
C VAL A 80 30.47 10.34 15.18
N VAL A 81 30.68 10.94 16.35
CA VAL A 81 30.56 10.20 17.60
C VAL A 81 29.41 10.75 18.43
N PRO A 82 28.30 10.01 18.60
CA PRO A 82 28.04 8.69 18.02
C PRO A 82 27.66 8.73 16.52
N PRO A 83 27.75 7.58 15.84
CA PRO A 83 27.43 7.57 14.40
C PRO A 83 25.99 8.03 14.16
N LYS A 84 25.79 8.65 12.99
CA LYS A 84 24.50 9.20 12.61
C LYS A 84 24.03 8.49 11.35
N VAL A 85 22.90 7.79 11.46
CA VAL A 85 22.35 7.04 10.34
C VAL A 85 21.22 7.85 9.72
N GLU A 86 21.28 8.00 8.41
CA GLU A 86 20.29 8.77 7.67
C GLU A 86 19.69 7.91 6.59
N TYR A 87 18.43 8.20 6.28
CA TYR A 87 17.65 7.45 5.33
C TYR A 87 17.14 8.43 4.29
N SER A 88 17.13 8.02 3.03
CA SER A 88 16.60 8.87 1.98
C SER A 88 15.99 7.99 0.88
N LEU A 89 15.14 8.57 0.04
CA LEU A 89 14.68 7.81 -1.11
C LEU A 89 15.82 7.66 -2.11
N SER A 90 15.99 6.45 -2.65
CA SER A 90 16.79 6.24 -3.87
C SER A 90 16.02 6.79 -5.07
N ASP A 91 16.69 6.78 -6.25
CA ASP A 91 16.00 7.17 -7.48
C ASP A 91 14.86 6.21 -7.79
N PHE A 92 15.08 4.91 -7.56
CA PHE A 92 13.98 3.96 -7.66
C PHE A 92 12.85 4.31 -6.69
N GLY A 93 13.16 4.59 -5.41
CA GLY A 93 12.11 5.05 -4.51
C GLY A 93 11.42 6.33 -4.96
N LYS A 94 12.17 7.23 -5.60
CA LYS A 94 11.55 8.47 -6.06
C LYS A 94 10.60 8.23 -7.21
N SER A 95 10.81 7.19 -8.00
CA SER A 95 9.86 6.91 -9.08
C SER A 95 8.45 6.57 -8.60
N ILE A 96 8.22 6.31 -7.29
CA ILE A 96 6.87 5.98 -6.80
C ILE A 96 6.12 7.18 -6.23
N ILE A 97 6.77 8.33 -6.09
CA ILE A 97 6.24 9.56 -5.52
C ILE A 97 4.94 9.99 -6.19
N PRO A 98 4.81 9.90 -7.53
CA PRO A 98 3.54 10.33 -8.14
C PRO A 98 2.35 9.47 -7.74
N ILE A 99 2.56 8.17 -7.56
CA ILE A 99 1.52 7.31 -7.03
C ILE A 99 1.19 7.69 -5.58
N LEU A 100 2.20 8.04 -4.79
CA LEU A 100 1.93 8.45 -3.41
C LEU A 100 1.20 9.79 -3.38
N ASP A 101 1.51 10.68 -4.31
CA ASP A 101 0.80 11.94 -4.44
C ASP A 101 -0.67 11.71 -4.80
N SER A 102 -0.92 10.78 -5.72
CA SER A 102 -2.30 10.43 -6.05
C SER A 102 -3.01 9.81 -4.84
N MET A 103 -2.33 8.94 -4.10
CA MET A 103 -2.94 8.32 -2.92
C MET A 103 -3.29 9.41 -1.91
N ASP A 105 -3.97 12.65 -2.57
CA ASP A 105 -5.14 13.39 -3.06
C ASP A 105 -6.44 12.60 -2.86
N TRP A 106 -6.40 11.30 -3.17
CA TRP A 106 -7.58 10.46 -2.99
C TRP A 106 -8.01 10.44 -1.53
N GLY A 107 -7.06 10.17 -0.62
CA GLY A 107 -7.38 10.20 0.80
C GLY A 107 -7.91 11.55 1.26
N SER A 108 -7.34 12.63 0.73
CA SER A 108 -7.83 13.97 1.09
C SER A 108 -9.28 14.17 0.66
N ASP A 109 -9.63 13.73 -0.56
CA ASP A 109 -11.00 13.84 -1.04
C ASP A 109 -11.94 12.96 -0.25
N TYR A 110 -11.48 11.77 0.19
CA TYR A 110 -12.31 10.87 0.98
C TYR A 110 -12.56 11.44 2.37
N LEU A 111 -11.55 12.09 2.95
CA LEU A 111 -11.74 12.78 4.21
C LEU A 111 -12.76 13.91 4.06
N GLU A 112 -12.59 14.75 3.05
CA GLU A 112 -13.46 15.92 2.90
C GLU A 112 -14.94 15.57 2.99
N SER A 113 -15.30 14.32 2.74
CA SER A 113 -16.68 13.87 2.92
C SER A 113 -16.68 12.47 3.52
N LEU A 114 -17.33 12.32 4.66
CA LEU A 114 -17.33 11.07 5.41
C LEU A 114 -15.93 10.48 5.51
N ASN B 14 -2.58 18.55 8.10
CA ASN B 14 -1.47 17.67 8.46
C ASN B 14 -0.79 17.07 7.21
N TYR B 15 0.51 16.74 7.33
CA TYR B 15 1.28 16.32 6.16
C TYR B 15 0.87 14.93 5.68
N SER B 16 0.68 13.99 6.61
CA SER B 16 0.51 12.58 6.25
C SER B 16 -0.86 12.00 6.62
N CYS B 17 -1.79 12.81 7.11
CA CYS B 17 -3.07 12.22 7.55
C CYS B 17 -3.84 11.69 6.35
N PRO B 18 -3.95 12.41 5.24
CA PRO B 18 -4.70 11.89 4.09
C PRO B 18 -4.19 10.55 3.54
N ILE B 19 -2.88 10.41 3.33
CA ILE B 19 -2.36 9.14 2.81
C ILE B 19 -2.51 8.04 3.86
N GLU B 20 -2.50 8.40 5.14
CA GLU B 20 -2.78 7.41 6.20
C GLU B 20 -4.23 6.93 6.13
N ALA B 21 -5.16 7.82 5.79
CA ALA B 21 -6.54 7.38 5.55
C ALA B 21 -6.60 6.42 4.37
N THR B 22 -6.06 6.83 3.21
CA THR B 22 -6.05 5.94 2.05
C THR B 22 -5.54 4.56 2.47
N LEU B 23 -4.46 4.53 3.25
CA LEU B 23 -3.87 3.24 3.61
C LEU B 23 -4.77 2.46 4.55
N ALA B 24 -5.45 3.15 5.47
CA ALA B 24 -6.45 2.45 6.30
C ALA B 24 -7.46 1.75 5.41
N LEU B 25 -7.90 2.41 4.36
CA LEU B 25 -8.95 1.85 3.53
C LEU B 25 -8.46 0.75 2.58
N ILE B 26 -7.23 0.79 2.06
CA ILE B 26 -6.86 -0.15 1.02
C ILE B 26 -5.51 -0.83 1.25
N GLY B 27 -4.78 -0.48 2.30
CA GLY B 27 -3.51 -1.11 2.56
C GLY B 27 -3.60 -2.52 3.12
N GLY B 28 -4.80 -2.96 3.50
CA GLY B 28 -4.93 -4.24 4.19
C GLY B 28 -4.68 -5.43 3.28
N LYS B 29 -3.99 -6.44 3.83
CA LYS B 29 -3.53 -7.60 3.06
C LYS B 29 -4.65 -8.14 2.20
N TYR B 30 -4.43 -8.14 0.90
CA TYR B 30 -5.33 -8.64 -0.13
C TYR B 30 -6.39 -7.60 -0.51
N LYS B 31 -6.44 -6.42 0.11
CA LYS B 31 -7.48 -5.46 -0.24
C LYS B 31 -7.23 -4.86 -1.62
N THR B 32 -6.04 -4.32 -1.85
CA THR B 32 -5.77 -3.76 -3.18
C THR B 32 -5.90 -4.82 -4.25
N LEU B 33 -5.47 -6.05 -3.98
CA LEU B 33 -5.70 -7.13 -4.94
C LEU B 33 -7.20 -7.39 -5.15
N ILE B 34 -7.99 -7.39 -4.05
CA ILE B 34 -9.42 -7.63 -4.19
C ILE B 34 -10.05 -6.58 -5.09
N LEU B 35 -9.71 -5.31 -4.87
CA LEU B 35 -10.26 -4.25 -5.71
C LEU B 35 -9.76 -4.36 -7.16
N TRP B 36 -8.49 -4.76 -7.34
CA TRP B 36 -7.97 -4.91 -8.69
C TRP B 36 -8.78 -5.94 -9.46
N HIS B 37 -9.00 -7.11 -8.85
CA HIS B 37 -9.69 -8.16 -9.57
C HIS B 37 -11.17 -7.85 -9.73
N LEU B 38 -11.69 -6.91 -8.96
CA LEU B 38 -13.10 -6.57 -9.04
C LEU B 38 -13.36 -5.41 -9.99
N LYS B 39 -12.34 -4.77 -10.56
CA LYS B 39 -12.60 -3.63 -11.43
C LYS B 39 -13.25 -4.12 -12.72
N ASP B 40 -14.42 -3.59 -13.04
CA ASP B 40 -15.20 -3.89 -14.23
C ASP B 40 -15.74 -5.32 -14.27
N THR B 41 -15.53 -6.11 -13.23
CA THR B 41 -16.17 -7.41 -13.12
C THR B 41 -16.59 -7.63 -11.68
N ILE B 42 -17.43 -8.63 -11.49
CA ILE B 42 -17.94 -8.94 -10.15
C ILE B 42 -17.90 -10.46 -9.99
N LEU B 43 -17.66 -10.89 -8.75
CA LEU B 43 -17.20 -12.25 -8.50
C LEU B 43 -17.80 -12.80 -7.22
N ARG B 44 -17.81 -14.13 -7.12
CA ARG B 44 -18.20 -14.84 -5.91
C ARG B 44 -17.06 -14.82 -4.90
N PHE B 45 -17.37 -15.26 -3.68
CA PHE B 45 -16.31 -15.52 -2.71
C PHE B 45 -15.32 -16.54 -3.26
N ASN B 46 -15.84 -17.61 -3.86
CA ASN B 46 -14.99 -18.70 -4.33
C ASN B 46 -14.08 -18.23 -5.46
N GLU B 47 -14.62 -17.46 -6.42
CA GLU B 47 -13.80 -16.96 -7.53
C GLU B 47 -12.67 -16.09 -7.02
N LEU B 48 -12.97 -15.14 -6.15
CA LEU B 48 -11.92 -14.26 -5.63
C LEU B 48 -10.86 -15.07 -4.91
N LYS B 49 -11.26 -16.03 -4.07
CA LYS B 49 -10.24 -16.78 -3.35
C LYS B 49 -9.41 -17.65 -4.28
N LYS B 50 -9.99 -18.10 -5.40
CA LYS B 50 -9.20 -18.80 -6.41
C LYS B 50 -8.23 -17.85 -7.10
N LEU B 51 -8.62 -16.58 -7.28
CA LEU B 51 -7.69 -15.59 -7.83
C LEU B 51 -6.61 -15.19 -6.83
N ILE B 52 -6.87 -15.35 -5.53
CA ILE B 52 -5.90 -15.00 -4.48
C ILE B 52 -5.62 -16.20 -3.60
N PRO B 53 -4.81 -17.16 -4.05
CA PRO B 53 -4.41 -18.27 -3.16
C PRO B 53 -3.69 -17.79 -1.92
N LYS B 54 -3.33 -18.71 -1.02
CA LYS B 54 -2.68 -18.35 0.25
C LYS B 54 -3.51 -17.26 0.94
N ALA B 55 -4.74 -17.62 1.27
CA ALA B 55 -5.66 -16.72 1.93
C ALA B 55 -6.71 -17.57 2.64
N THR B 56 -6.65 -17.61 3.97
CA THR B 56 -7.65 -18.35 4.72
C THR B 56 -9.02 -17.81 4.36
N PRO B 57 -10.00 -18.67 4.07
CA PRO B 57 -11.35 -18.16 3.77
C PRO B 57 -11.77 -17.05 4.71
N LYS B 58 -11.59 -17.25 6.02
CA LYS B 58 -12.01 -16.22 6.97
C LYS B 58 -11.26 -14.91 6.74
N MET B 59 -10.00 -14.97 6.33
CA MET B 59 -9.26 -13.73 6.05
C MET B 59 -9.87 -12.98 4.87
N LEU B 60 -10.19 -13.70 3.79
CA LEU B 60 -10.79 -13.05 2.64
C LEU B 60 -12.15 -12.47 2.98
N THR B 61 -12.95 -13.22 3.76
CA THR B 61 -14.25 -12.71 4.17
C THR B 61 -14.08 -11.45 5.02
N GLN B 62 -13.15 -11.48 5.97
CA GLN B 62 -12.95 -10.32 6.83
C GLN B 62 -12.53 -9.11 6.00
N GLN B 63 -11.64 -9.31 5.04
CA GLN B 63 -11.23 -8.16 4.23
C GLN B 63 -12.37 -7.64 3.37
N LEU B 64 -13.16 -8.53 2.76
CA LEU B 64 -14.30 -8.09 1.97
C LEU B 64 -15.33 -7.37 2.83
N ARG B 65 -15.56 -7.86 4.05
CA ARG B 65 -16.51 -7.20 4.94
C ARG B 65 -16.00 -5.83 5.36
N GLU B 66 -14.70 -5.70 5.64
CA GLU B 66 -14.17 -4.38 5.99
C GLU B 66 -14.30 -3.43 4.82
N LEU B 67 -14.01 -3.90 3.61
CA LEU B 67 -14.15 -3.05 2.42
C LEU B 67 -15.62 -2.63 2.22
N GLU B 68 -16.55 -3.57 2.34
CA GLU B 68 -17.96 -3.21 2.18
C GLU B 68 -18.39 -2.20 3.25
N SER B 69 -17.84 -2.32 4.46
CA SER B 69 -18.20 -1.40 5.54
C SER B 69 -17.65 0.00 5.28
N ASP B 70 -16.44 0.09 4.74
CA ASP B 70 -15.89 1.40 4.37
C ASP B 70 -16.56 1.96 3.11
N GLY B 71 -17.41 1.17 2.45
CA GLY B 71 -18.17 1.64 1.32
C GLY B 71 -17.43 1.60 0.02
N LEU B 72 -16.40 0.76 -0.10
CA LEU B 72 -15.62 0.67 -1.33
C LEU B 72 -16.13 -0.40 -2.26
N ILE B 73 -16.80 -1.41 -1.74
CA ILE B 73 -17.40 -2.47 -2.55
C ILE B 73 -18.86 -2.63 -2.14
N ILE B 74 -19.61 -3.22 -3.04
CA ILE B 74 -21.02 -3.51 -2.90
C ILE B 74 -21.18 -5.01 -2.84
N ARG B 75 -22.10 -5.49 -2.00
CA ARG B 75 -22.29 -6.90 -1.77
C ARG B 75 -23.63 -7.43 -2.28
N VAL B 76 -24.55 -6.56 -2.65
CA VAL B 76 -25.83 -6.99 -3.17
C VAL B 76 -25.63 -7.96 -4.35
N PRO B 82 -30.62 -21.46 -5.12
CA PRO B 82 -29.63 -21.46 -4.04
C PRO B 82 -28.93 -20.11 -3.92
N PRO B 83 -29.01 -19.47 -2.76
CA PRO B 83 -28.44 -18.13 -2.57
C PRO B 83 -27.10 -17.89 -3.25
N LYS B 84 -26.99 -16.76 -3.97
CA LYS B 84 -25.76 -16.29 -4.58
C LYS B 84 -25.39 -14.92 -4.03
N VAL B 85 -24.13 -14.73 -3.65
CA VAL B 85 -23.61 -13.41 -3.30
C VAL B 85 -22.47 -13.09 -4.25
N GLU B 86 -22.54 -11.90 -4.86
CA GLU B 86 -21.52 -11.43 -5.79
C GLU B 86 -21.07 -10.04 -5.37
N TYR B 87 -19.77 -9.77 -5.55
CA TYR B 87 -19.14 -8.55 -5.07
C TYR B 87 -18.87 -7.61 -6.23
N SER B 88 -19.28 -6.35 -6.08
CA SER B 88 -19.05 -5.30 -7.05
C SER B 88 -18.30 -4.14 -6.41
N LEU B 89 -17.74 -3.30 -7.27
CA LEU B 89 -17.19 -2.01 -6.85
C LEU B 89 -18.31 -0.98 -6.76
N SER B 90 -18.39 -0.30 -5.62
CA SER B 90 -19.20 0.91 -5.51
C SER B 90 -18.68 1.98 -6.46
N ASP B 91 -19.42 3.08 -6.58
CA ASP B 91 -18.92 4.19 -7.39
C ASP B 91 -17.66 4.79 -6.75
N PHE B 92 -17.75 5.10 -5.45
CA PHE B 92 -16.59 5.56 -4.70
C PHE B 92 -15.45 4.54 -4.74
N GLY B 93 -15.78 3.25 -4.91
CA GLY B 93 -14.77 2.23 -5.11
C GLY B 93 -14.16 2.27 -6.49
N LYS B 94 -14.94 2.66 -7.52
CA LYS B 94 -14.35 2.87 -8.83
C LYS B 94 -13.43 4.09 -8.84
N SER B 95 -13.63 5.05 -7.91
CA SER B 95 -12.77 6.23 -7.84
C SER B 95 -11.31 5.92 -7.50
N ILE B 96 -10.95 4.69 -7.17
CA ILE B 96 -9.56 4.38 -6.86
C ILE B 96 -8.85 3.72 -8.04
N ILE B 97 -9.58 3.39 -9.10
CA ILE B 97 -9.02 2.60 -10.19
C ILE B 97 -7.80 3.28 -10.79
N PRO B 98 -7.75 4.60 -10.93
CA PRO B 98 -6.54 5.19 -11.52
C PRO B 98 -5.30 4.94 -10.66
N ILE B 99 -5.45 5.00 -9.34
CA ILE B 99 -4.31 4.67 -8.49
C ILE B 99 -3.88 3.22 -8.72
N LEU B 100 -4.86 2.32 -8.82
CA LEU B 100 -4.54 0.91 -9.07
C LEU B 100 -3.88 0.70 -10.44
N ASP B 101 -4.33 1.44 -11.47
CA ASP B 101 -3.72 1.32 -12.79
C ASP B 101 -2.28 1.81 -12.79
N SER B 102 -2.00 2.92 -12.09
CA SER B 102 -0.63 3.38 -11.99
C SER B 102 0.23 2.41 -11.15
N MET B 103 -0.33 1.82 -10.07
CA MET B 103 0.44 0.79 -9.36
C MET B 103 0.78 -0.37 -10.28
N CYS B 104 -0.17 -0.76 -11.13
CA CYS B 104 0.08 -1.80 -12.11
C CYS B 104 1.19 -1.40 -13.09
N ASP B 105 1.15 -0.16 -13.61
CA ASP B 105 2.15 0.23 -14.61
C ASP B 105 3.54 0.32 -13.99
N TRP B 106 3.62 0.78 -12.75
CA TRP B 106 4.88 0.81 -12.02
C TRP B 106 5.43 -0.61 -11.76
N GLY B 107 4.56 -1.53 -11.37
CA GLY B 107 5.01 -2.90 -11.19
C GLY B 107 5.42 -3.55 -12.49
N SER B 108 4.76 -3.17 -13.58
CA SER B 108 5.14 -3.71 -14.88
C SER B 108 6.52 -3.20 -15.31
N ASP B 109 6.80 -1.91 -15.09
CA ASP B 109 8.15 -1.38 -15.32
C ASP B 109 9.18 -2.17 -14.54
N TYR B 110 8.88 -2.45 -13.27
CA TYR B 110 9.83 -3.14 -12.43
C TYR B 110 10.12 -4.54 -12.98
N LEU B 111 9.06 -5.29 -13.32
CA LEU B 111 9.23 -6.66 -13.80
C LEU B 111 9.89 -6.69 -15.17
N GLU B 112 9.50 -5.81 -16.08
CA GLU B 112 10.09 -5.84 -17.42
C GLU B 112 11.55 -5.40 -17.41
N SER B 113 11.97 -4.67 -16.38
CA SER B 113 13.33 -4.20 -16.22
C SER B 113 14.22 -5.17 -15.44
N LEU B 114 13.69 -6.30 -14.97
CA LEU B 114 14.50 -7.20 -14.17
C LEU B 114 15.64 -7.82 -14.97
#